data_5IW5
#
_entry.id   5IW5
#
_cell.length_a   104.863
_cell.length_b   62.218
_cell.length_c   86.877
_cell.angle_alpha   90.00
_cell.angle_beta   94.99
_cell.angle_gamma   90.00
#
_symmetry.space_group_name_H-M   'C 1 2 1'
#
loop_
_entity.id
_entity.type
_entity.pdbx_description
1 polymer 'NADH pyrophosphatase'
2 non-polymer 'ZINC ION'
3 non-polymer 'BETA-NICOTINAMIDE RIBOSE MONOPHOSPHATE'
4 water water
#
_entity_poly.entity_id   1
_entity_poly.type   'polypeptide(L)'
_entity_poly.pdbx_seq_one_letter_code
;SMDRIIEKLDHGWWVVSHEQKLWLPKGELPYGEAANFDLVGQRALQIGEWQGEPVWLVQQQRRHDMGSVRQVIDLDVGLF
QLAGRGVQLAEFYRSHKYCGYCGHEMYPSKTEWAMLCSHCRERYYPQIAPCIIVAIRRDDSILLAQHTRHRNGVHTVLAG
FVEVGETLEQAVAREVMEESGIKVKNLRYVTSQPWPFPQSLMTAFMAEYDSGDIVIDPKELLEANWYRYDDLPLLPPPGT
VARRLIEDTVAMCRAEYE
;
_entity_poly.pdbx_strand_id   B,A
#
loop_
_chem_comp.id
_chem_comp.type
_chem_comp.name
_chem_comp.formula
NMN non-polymer 'BETA-NICOTINAMIDE RIBOSE MONOPHOSPHATE' 'C11 H16 N2 O8 P 1'
ZN non-polymer 'ZINC ION' 'Zn 2'
#
# COMPACT_ATOMS: atom_id res chain seq x y z
N ASP A 3 -10.26 10.08 0.28
CA ASP A 3 -9.20 9.20 0.80
C ASP A 3 -9.65 7.74 0.76
N ARG A 4 -9.04 6.96 -0.12
CA ARG A 4 -9.41 5.56 -0.33
C ARG A 4 -8.20 4.66 -0.49
N ILE A 5 -8.42 3.35 -0.43
CA ILE A 5 -7.33 2.40 -0.65
C ILE A 5 -7.52 1.70 -1.98
N ILE A 6 -6.46 1.68 -2.77
CA ILE A 6 -6.52 1.22 -4.16
C ILE A 6 -6.89 -0.27 -4.33
N GLU A 7 -7.69 -0.58 -5.35
CA GLU A 7 -8.06 -1.97 -5.65
C GLU A 7 -7.63 -2.39 -7.06
N LYS A 8 -7.93 -3.63 -7.41
CA LYS A 8 -7.31 -4.25 -8.59
C LYS A 8 -7.85 -3.77 -9.91
N LEU A 9 -8.97 -3.06 -9.90
CA LEU A 9 -9.52 -2.61 -11.18
C LEU A 9 -9.47 -1.09 -11.30
N ASP A 10 -8.88 -0.47 -10.28
CA ASP A 10 -8.73 0.98 -10.24
C ASP A 10 -7.85 1.44 -11.39
N HIS A 11 -8.35 2.39 -12.18
CA HIS A 11 -7.52 2.95 -13.23
C HIS A 11 -7.69 4.46 -13.40
N GLY A 12 -6.79 5.07 -14.17
CA GLY A 12 -6.81 6.52 -14.33
C GLY A 12 -5.41 7.08 -14.29
N TRP A 13 -5.28 8.34 -13.89
CA TRP A 13 -3.99 9.02 -13.81
C TRP A 13 -3.38 8.96 -12.39
N TRP A 14 -2.12 8.57 -12.30
CA TRP A 14 -1.49 8.37 -11.00
C TRP A 14 -0.29 9.29 -10.75
N VAL A 15 -0.46 10.25 -9.86
CA VAL A 15 0.65 11.03 -9.35
C VAL A 15 1.31 10.35 -8.14
N VAL A 16 2.37 9.59 -8.42
CA VAL A 16 3.10 8.90 -7.37
C VAL A 16 4.28 9.74 -6.92
N SER A 17 4.12 10.41 -5.82
CA SER A 17 5.03 11.44 -5.43
C SER A 17 5.77 11.27 -4.13
N HIS A 18 7.05 11.41 -4.23
CA HIS A 18 7.90 11.46 -3.09
C HIS A 18 8.82 12.63 -3.13
N GLU A 19 8.83 13.44 -2.10
CA GLU A 19 9.90 14.38 -1.85
C GLU A 19 10.24 15.29 -3.02
N GLN A 20 9.25 15.97 -3.55
CA GLN A 20 9.41 16.96 -4.60
C GLN A 20 9.45 16.40 -5.97
N LYS A 21 9.31 15.11 -6.09
CA LYS A 21 9.43 14.47 -7.36
C LYS A 21 8.24 13.60 -7.55
N LEU A 22 7.94 13.24 -8.76
CA LEU A 22 6.88 12.31 -9.06
C LEU A 22 7.34 11.23 -10.00
N TRP A 23 6.70 10.09 -9.94
CA TRP A 23 7.05 8.96 -10.79
C TRP A 23 6.64 9.19 -12.24
N LEU A 24 7.64 9.14 -13.11
CA LEU A 24 7.45 9.31 -14.55
C LEU A 24 8.13 8.21 -15.38
N PRO A 25 7.49 7.04 -15.44
CA PRO A 25 8.03 5.93 -16.25
C PRO A 25 7.98 6.26 -17.74
N LYS A 26 9.04 5.88 -18.46
CA LYS A 26 9.16 6.11 -19.90
C LYS A 26 9.02 7.58 -20.29
N GLY A 27 9.19 8.46 -19.30
CA GLY A 27 8.99 9.88 -19.50
C GLY A 27 7.53 10.28 -19.48
N GLU A 28 6.69 9.42 -18.91
CA GLU A 28 5.25 9.60 -18.97
C GLU A 28 4.62 9.85 -17.60
N LEU A 29 3.56 10.65 -17.58
CA LEU A 29 2.70 10.69 -16.39
C LEU A 29 1.86 9.43 -16.48
N PRO A 30 1.99 8.52 -15.50
CA PRO A 30 1.35 7.22 -15.64
C PRO A 30 -0.17 7.24 -15.81
N TYR A 31 -0.64 6.50 -16.81
CA TYR A 31 -2.08 6.35 -17.05
C TYR A 31 -2.42 4.88 -17.24
N GLY A 32 -3.29 4.37 -16.40
CA GLY A 32 -3.70 2.99 -16.55
C GLY A 32 -4.21 2.36 -15.30
N GLU A 33 -4.03 1.05 -15.22
CA GLU A 33 -4.60 0.24 -14.16
C GLU A 33 -3.60 0.09 -13.01
N ALA A 34 -4.12 0.07 -11.79
CA ALA A 34 -3.30 0.08 -10.57
C ALA A 34 -2.30 -1.07 -10.45
N ALA A 35 -2.78 -2.28 -10.69
CA ALA A 35 -1.93 -3.45 -10.59
C ALA A 35 -0.87 -3.42 -11.66
N ASN A 36 -1.14 -2.74 -12.77
CA ASN A 36 -0.11 -2.54 -13.78
C ASN A 36 1.05 -1.65 -13.29
N PHE A 37 0.78 -0.86 -12.26
CA PHE A 37 1.75 0.08 -11.74
C PHE A 37 2.21 -0.30 -10.33
N ASP A 38 1.95 -1.55 -9.94
CA ASP A 38 2.25 -2.01 -8.57
C ASP A 38 1.67 -1.12 -7.48
N LEU A 39 0.39 -0.80 -7.59
CA LEU A 39 -0.17 0.28 -6.79
C LEU A 39 -1.29 -0.20 -5.89
N VAL A 40 -1.75 -1.42 -6.12
CA VAL A 40 -2.85 -1.97 -5.33
C VAL A 40 -2.47 -2.06 -3.85
N GLY A 41 -3.44 -1.75 -2.99
CA GLY A 41 -3.28 -1.89 -1.57
C GLY A 41 -2.71 -0.65 -0.92
N GLN A 42 -2.58 0.42 -1.68
CA GLN A 42 -2.03 1.65 -1.14
C GLN A 42 -3.07 2.76 -0.99
N ARG A 43 -2.68 3.77 -0.24
CA ARG A 43 -3.54 4.90 0.06
C ARG A 43 -3.47 5.90 -1.08
N ALA A 44 -4.63 6.34 -1.57
CA ALA A 44 -4.63 7.24 -2.71
C ALA A 44 -5.61 8.35 -2.42
N LEU A 45 -5.25 9.57 -2.77
CA LEU A 45 -6.20 10.68 -2.69
C LEU A 45 -6.55 11.14 -4.10
N GLN A 46 -7.81 11.47 -4.33
CA GLN A 46 -8.20 12.02 -5.60
C GLN A 46 -8.12 13.54 -5.57
N ILE A 47 -7.28 14.10 -6.42
CA ILE A 47 -7.08 15.54 -6.42
C ILE A 47 -7.90 16.21 -7.51
N GLY A 48 -8.55 15.39 -8.33
CA GLY A 48 -9.46 15.92 -9.32
C GLY A 48 -9.67 14.99 -10.51
N GLU A 49 -10.13 15.56 -11.61
CA GLU A 49 -10.47 14.78 -12.78
C GLU A 49 -9.81 15.39 -13.99
N TRP A 50 -9.24 14.53 -14.82
CA TRP A 50 -8.81 14.94 -16.13
C TRP A 50 -9.72 14.31 -17.18
N GLN A 51 -10.50 15.17 -17.85
CA GLN A 51 -11.40 14.73 -18.91
C GLN A 51 -12.28 13.59 -18.41
N GLY A 52 -12.79 13.74 -17.20
CA GLY A 52 -13.66 12.75 -16.60
C GLY A 52 -13.03 11.52 -15.97
N GLU A 53 -11.71 11.50 -15.83
CA GLU A 53 -11.02 10.38 -15.19
C GLU A 53 -10.28 10.84 -13.95
N PRO A 54 -10.27 10.01 -12.89
CA PRO A 54 -9.68 10.51 -11.64
C PRO A 54 -8.18 10.62 -11.78
N VAL A 55 -7.61 11.64 -11.17
CA VAL A 55 -6.18 11.69 -10.95
C VAL A 55 -5.92 11.37 -9.48
N TRP A 56 -4.99 10.45 -9.21
CA TRP A 56 -4.76 10.03 -7.84
C TRP A 56 -3.41 10.47 -7.36
N LEU A 57 -3.32 10.91 -6.10
CA LEU A 57 -2.06 11.11 -5.45
C LEU A 57 -1.77 9.90 -4.59
N VAL A 58 -0.66 9.23 -4.88
CA VAL A 58 -0.18 8.15 -4.02
C VAL A 58 1.15 8.60 -3.48
N GLN A 59 1.27 8.61 -2.15
CA GLN A 59 2.45 9.12 -1.47
C GLN A 59 3.44 8.00 -1.22
N GLN A 60 4.08 7.50 -2.27
CA GLN A 60 5.03 6.43 -2.09
C GLN A 60 6.33 6.64 -2.88
N GLN A 61 7.43 6.09 -2.36
CA GLN A 61 8.71 6.25 -3.04
C GLN A 61 8.86 5.21 -4.12
N ARG A 62 9.53 5.56 -5.20
CA ARG A 62 9.87 4.58 -6.22
C ARG A 62 11.35 4.66 -6.57
N ARG A 63 11.96 3.49 -6.68
CA ARG A 63 13.36 3.36 -7.06
C ARG A 63 13.73 4.23 -8.27
N HIS A 64 13.12 3.94 -9.42
CA HIS A 64 13.55 4.54 -10.67
C HIS A 64 12.58 5.57 -11.19
N ASP A 65 13.08 6.40 -12.11
CA ASP A 65 12.25 7.25 -12.96
C ASP A 65 11.46 8.35 -12.26
N MET A 66 11.88 8.71 -11.06
CA MET A 66 11.35 9.90 -10.41
C MET A 66 11.93 11.12 -11.11
N GLY A 67 11.10 12.14 -11.30
CA GLY A 67 11.54 13.37 -11.96
C GLY A 67 10.77 14.58 -11.48
N SER A 68 10.85 15.64 -12.24
CA SER A 68 10.26 16.88 -11.84
C SER A 68 8.96 16.99 -12.53
N VAL A 69 8.01 17.65 -11.89
CA VAL A 69 6.74 17.85 -12.48
C VAL A 69 6.88 18.63 -13.74
N ARG A 70 7.82 19.57 -13.75
CA ARG A 70 8.08 20.32 -14.94
C ARG A 70 8.92 19.43 -15.80
N GLN A 71 8.38 18.23 -15.98
CA GLN A 71 8.70 17.30 -17.02
C GLN A 71 7.43 16.86 -17.71
N VAL A 72 6.30 17.38 -17.29
CA VAL A 72 4.99 17.02 -17.82
C VAL A 72 4.26 18.26 -18.31
N ILE A 73 4.99 19.35 -18.35
CA ILE A 73 4.42 20.62 -18.67
C ILE A 73 3.85 20.50 -20.05
N ASP A 74 4.56 19.81 -20.92
CA ASP A 74 4.05 19.55 -22.24
C ASP A 74 3.24 18.29 -22.27
N LEU A 75 2.31 18.19 -21.35
CA LEU A 75 1.33 17.15 -21.43
C LEU A 75 -0.01 17.76 -21.68
N ASP A 76 -0.43 18.62 -20.76
CA ASP A 76 -1.49 19.56 -20.95
C ASP A 76 -1.41 20.43 -19.74
N VAL A 77 -1.63 21.70 -19.86
CA VAL A 77 -1.44 22.59 -18.76
C VAL A 77 -2.35 22.17 -17.63
N GLY A 78 -3.53 21.74 -17.99
CA GLY A 78 -4.52 21.29 -17.05
C GLY A 78 -4.16 20.07 -16.26
N LEU A 79 -3.47 19.18 -16.92
CA LEU A 79 -2.93 18.01 -16.30
C LEU A 79 -1.79 18.30 -15.34
N PHE A 80 -0.93 19.19 -15.77
CA PHE A 80 0.17 19.71 -15.01
C PHE A 80 -0.31 20.46 -13.81
N GLN A 81 -1.39 21.16 -13.90
CA GLN A 81 -1.96 21.78 -12.73
C GLN A 81 -2.32 20.68 -11.75
N LEU A 82 -2.93 19.61 -12.25
CA LEU A 82 -3.34 18.55 -11.35
C LEU A 82 -2.15 17.88 -10.70
N ALA A 83 -1.11 17.67 -11.50
CA ALA A 83 -0.01 16.86 -11.06
C ALA A 83 0.84 17.66 -10.08
N GLY A 84 1.11 18.91 -10.44
CA GLY A 84 1.89 19.79 -9.60
C GLY A 84 1.14 19.97 -8.30
N ARG A 85 -0.16 20.12 -8.41
CA ARG A 85 -0.97 20.18 -7.21
C ARG A 85 -0.83 18.93 -6.34
N GLY A 86 -0.75 17.75 -6.96
CA GLY A 86 -0.50 16.55 -6.19
C GLY A 86 0.81 16.60 -5.42
N VAL A 87 1.87 16.95 -6.13
CA VAL A 87 3.21 17.00 -5.52
C VAL A 87 3.24 17.98 -4.35
N GLN A 88 2.66 19.14 -4.56
CA GLN A 88 2.49 20.10 -3.48
C GLN A 88 1.74 19.51 -2.32
N LEU A 89 0.62 18.83 -2.57
CA LEU A 89 -0.17 18.25 -1.48
C LEU A 89 0.59 17.18 -0.70
N ALA A 90 1.38 16.38 -1.42
CA ALA A 90 2.27 15.40 -0.79
C ALA A 90 3.29 16.06 0.12
N GLU A 91 3.90 17.14 -0.37
CA GLU A 91 4.89 17.85 0.40
C GLU A 91 4.27 18.55 1.58
N PHE A 92 3.02 18.97 1.41
CA PHE A 92 2.28 19.59 2.49
C PHE A 92 2.07 18.58 3.61
N TYR A 93 1.69 17.38 3.26
CA TYR A 93 1.48 16.31 4.21
C TYR A 93 2.72 15.85 4.92
N ARG A 94 3.82 15.85 4.23
CA ARG A 94 5.07 15.47 4.80
C ARG A 94 5.49 16.43 5.88
N SER A 95 5.23 17.70 5.68
CA SER A 95 5.71 18.71 6.58
C SER A 95 4.79 18.93 7.75
N HIS A 96 3.65 18.30 7.73
CA HIS A 96 2.70 18.42 8.77
C HIS A 96 2.21 17.13 9.41
N LYS A 97 3.02 16.08 9.43
CA LYS A 97 2.62 14.87 10.12
C LYS A 97 2.44 15.13 11.62
N TYR A 98 3.39 15.81 12.23
CA TYR A 98 3.27 16.22 13.62
C TYR A 98 2.81 17.63 13.76
N CYS A 99 2.17 17.95 14.85
CA CYS A 99 1.85 19.35 15.07
C CYS A 99 3.01 20.17 15.62
N GLY A 100 3.19 21.33 15.01
CA GLY A 100 4.30 22.19 15.39
C GLY A 100 4.11 22.81 16.75
N TYR A 101 2.86 22.82 17.18
CA TYR A 101 2.52 23.24 18.50
C TYR A 101 2.95 22.29 19.64
N CYS A 102 2.50 21.07 19.53
CA CYS A 102 2.28 20.11 20.65
C CYS A 102 2.84 18.77 20.39
N GLY A 103 3.29 18.67 19.16
CA GLY A 103 4.11 17.58 18.79
C GLY A 103 3.39 16.27 18.57
N HIS A 104 2.07 16.20 18.69
CA HIS A 104 1.47 14.91 18.35
C HIS A 104 0.90 14.86 16.95
N GLU A 105 0.95 13.64 16.42
CA GLU A 105 0.48 13.26 15.10
C GLU A 105 -0.84 13.89 14.68
N MET A 106 -0.81 14.39 13.45
CA MET A 106 -1.91 15.12 12.88
C MET A 106 -2.57 14.29 11.78
N TYR A 107 -3.70 14.76 11.28
CA TYR A 107 -4.42 14.00 10.28
C TYR A 107 -5.02 14.97 9.26
N PRO A 108 -5.34 14.49 8.04
CA PRO A 108 -5.85 15.42 7.02
C PRO A 108 -7.34 15.72 7.16
N SER A 109 -7.70 16.99 7.00
CA SER A 109 -9.10 17.39 7.01
C SER A 109 -9.70 16.80 5.75
N LYS A 110 -10.83 16.09 5.86
CA LYS A 110 -11.42 15.48 4.68
C LYS A 110 -12.44 16.40 4.03
N THR A 111 -12.88 17.40 4.79
CA THR A 111 -13.76 18.44 4.27
C THR A 111 -13.02 19.43 3.34
N GLU A 112 -11.97 20.06 3.86
CA GLU A 112 -11.15 21.00 3.10
C GLU A 112 -9.76 20.39 2.98
N TRP A 113 -8.79 21.18 2.53
CA TRP A 113 -7.43 20.66 2.40
C TRP A 113 -6.42 21.26 3.39
N ALA A 114 -6.60 20.89 4.66
CA ALA A 114 -5.75 21.35 5.74
C ALA A 114 -5.26 20.18 6.61
N MET A 115 -4.46 20.50 7.62
CA MET A 115 -4.07 19.51 8.61
C MET A 115 -4.79 19.79 9.92
N LEU A 116 -5.50 18.79 10.38
CA LEU A 116 -6.19 18.89 11.65
C LEU A 116 -5.40 18.21 12.69
N CYS A 117 -5.85 18.48 13.90
CA CYS A 117 -5.08 17.98 15.00
C CYS A 117 -5.81 17.20 16.06
N SER A 118 -5.24 16.06 16.40
CA SER A 118 -5.81 15.20 17.43
C SER A 118 -5.88 15.80 18.83
N HIS A 119 -4.78 16.36 19.32
CA HIS A 119 -4.67 16.81 20.67
C HIS A 119 -5.18 18.18 20.84
N CYS A 120 -4.76 19.05 19.95
CA CYS A 120 -5.01 20.48 20.08
C CYS A 120 -5.83 20.86 18.94
N ARG A 121 -6.17 22.13 18.86
CA ARG A 121 -7.17 22.53 17.92
C ARG A 121 -6.59 23.48 16.87
N GLU A 122 -5.27 23.59 16.84
CA GLU A 122 -4.61 24.43 15.83
C GLU A 122 -4.50 23.65 14.55
N ARG A 123 -4.55 24.35 13.43
CA ARG A 123 -4.47 23.70 12.14
C ARG A 123 -3.50 24.41 11.22
N TYR A 124 -3.19 23.76 10.12
CA TYR A 124 -2.36 24.36 9.09
C TYR A 124 -3.03 24.33 7.72
N TYR A 125 -2.72 25.33 6.90
CA TYR A 125 -3.29 25.46 5.56
C TYR A 125 -2.13 25.60 4.56
N PRO A 126 -2.38 25.28 3.27
CA PRO A 126 -1.34 25.43 2.25
C PRO A 126 -0.87 26.88 2.11
N GLN A 127 0.41 27.04 1.88
CA GLN A 127 1.01 28.36 1.80
C GLN A 127 1.22 28.73 0.34
N ILE A 128 0.92 29.98 0.00
CA ILE A 128 1.18 30.51 -1.33
C ILE A 128 2.39 31.46 -1.30
N ALA A 129 3.39 31.16 -2.11
CA ALA A 129 4.59 32.00 -2.16
C ALA A 129 4.52 33.07 -3.26
N PRO A 130 4.44 34.36 -2.86
CA PRO A 130 4.49 35.46 -3.83
C PRO A 130 5.80 35.45 -4.64
N CYS A 131 5.66 35.66 -5.94
CA CYS A 131 6.78 35.56 -6.85
C CYS A 131 6.71 36.70 -7.85
N ILE A 132 7.86 37.28 -8.18
CA ILE A 132 7.90 38.21 -9.27
C ILE A 132 8.55 37.56 -10.50
N ILE A 133 8.12 38.02 -11.65
CA ILE A 133 8.74 37.64 -12.91
C ILE A 133 8.76 38.92 -13.75
N VAL A 134 9.83 39.13 -14.52
CA VAL A 134 10.06 40.43 -15.15
C VAL A 134 10.83 40.36 -16.47
N ALA A 135 10.38 41.16 -17.42
CA ALA A 135 11.02 41.41 -18.70
C ALA A 135 11.61 42.81 -18.75
N ILE A 136 12.88 42.91 -19.08
CA ILE A 136 13.60 44.16 -18.97
C ILE A 136 13.95 44.66 -20.31
N ARG A 137 13.67 45.90 -20.52
CA ARG A 137 13.75 46.45 -21.82
C ARG A 137 14.73 47.61 -21.84
N ARG A 138 15.58 47.57 -22.85
CA ARG A 138 16.62 48.55 -23.14
C ARG A 138 16.54 48.98 -24.57
N ASP A 139 15.77 50.00 -24.84
CA ASP A 139 15.60 50.50 -26.21
C ASP A 139 15.07 49.45 -27.19
N ASP A 140 15.87 49.11 -28.20
CA ASP A 140 15.46 48.16 -29.24
C ASP A 140 15.59 46.71 -28.78
N SER A 141 16.15 46.52 -27.59
CA SER A 141 16.44 45.19 -27.12
C SER A 141 15.71 44.81 -25.84
N ILE A 142 15.78 43.53 -25.53
CA ILE A 142 15.15 43.00 -24.35
C ILE A 142 16.13 42.02 -23.70
N LEU A 143 16.18 42.05 -22.38
CA LEU A 143 17.07 41.17 -21.64
C LEU A 143 16.53 39.74 -21.61
N LEU A 144 17.24 38.84 -22.25
CA LEU A 144 16.90 37.42 -22.17
C LEU A 144 18.06 36.66 -21.55
N ALA A 145 17.79 35.47 -21.02
CA ALA A 145 18.81 34.72 -20.31
C ALA A 145 18.53 33.23 -20.23
N GLN A 146 19.59 32.44 -20.25
CA GLN A 146 19.46 31.00 -20.03
C GLN A 146 19.67 30.68 -18.57
N HIS A 147 18.68 30.03 -17.96
CA HIS A 147 18.79 29.63 -16.55
C HIS A 147 19.58 28.33 -16.38
N THR A 148 20.35 28.24 -15.29
CA THR A 148 21.21 27.09 -15.07
C THR A 148 20.45 25.78 -14.88
N ARG A 149 19.48 25.80 -13.96
CA ARG A 149 18.73 24.59 -13.62
C ARG A 149 17.85 24.13 -14.79
N HIS A 150 17.32 25.09 -15.55
CA HIS A 150 16.68 24.80 -16.82
C HIS A 150 17.84 24.45 -17.75
N ARG A 151 17.58 23.75 -18.84
CA ARG A 151 18.63 23.54 -19.83
C ARG A 151 18.09 23.13 -21.19
N ASN A 152 16.94 23.67 -21.56
CA ASN A 152 16.34 23.38 -22.86
C ASN A 152 16.89 24.26 -23.97
N GLY A 153 17.88 25.08 -23.64
CA GLY A 153 18.46 25.99 -24.61
C GLY A 153 17.55 27.19 -24.83
N VAL A 154 16.55 27.34 -23.95
CA VAL A 154 15.62 28.45 -24.04
C VAL A 154 16.14 29.70 -23.32
N HIS A 155 15.75 30.86 -23.83
CA HIS A 155 16.10 32.11 -23.21
C HIS A 155 14.84 32.82 -22.74
N THR A 156 14.69 32.94 -21.43
CA THR A 156 13.46 33.47 -20.86
C THR A 156 13.74 34.70 -20.01
N VAL A 157 12.76 35.10 -19.23
CA VAL A 157 12.82 36.30 -18.41
C VAL A 157 13.35 35.99 -17.03
N LEU A 158 13.46 37.02 -16.18
CA LEU A 158 14.01 36.79 -14.84
C LEU A 158 12.89 36.58 -13.85
N ALA A 159 13.14 35.76 -12.83
CA ALA A 159 12.13 35.53 -11.81
C ALA A 159 12.75 35.27 -10.45
N GLY A 160 12.01 35.60 -9.40
CA GLY A 160 12.48 35.32 -8.06
C GLY A 160 11.38 35.49 -7.02
N PHE A 161 11.64 35.01 -5.81
CA PHE A 161 10.63 35.04 -4.76
C PHE A 161 10.57 36.36 -4.00
N VAL A 162 9.35 36.82 -3.75
CA VAL A 162 9.12 38.00 -2.93
C VAL A 162 9.56 37.68 -1.51
N GLU A 163 10.19 38.64 -0.86
CA GLU A 163 10.65 38.43 0.50
C GLU A 163 9.85 39.20 1.51
N VAL A 164 10.19 38.93 2.76
CA VAL A 164 9.52 39.53 3.91
C VAL A 164 9.78 41.02 3.98
N GLY A 165 8.74 41.77 4.31
CA GLY A 165 8.86 43.19 4.53
C GLY A 165 9.13 44.00 3.28
N GLU A 166 9.00 43.38 2.12
CA GLU A 166 9.22 44.08 0.85
C GLU A 166 8.04 44.00 -0.13
N THR A 167 7.96 44.97 -1.03
CA THR A 167 6.89 45.07 -2.02
C THR A 167 7.24 44.30 -3.28
N LEU A 168 6.27 44.13 -4.17
CA LEU A 168 6.50 43.48 -5.46
C LEU A 168 7.58 44.20 -6.23
N GLU A 169 7.49 45.52 -6.22
CA GLU A 169 8.39 46.37 -6.98
C GLU A 169 9.81 46.24 -6.46
N GLN A 170 9.92 46.22 -5.13
CA GLN A 170 11.21 46.02 -4.50
C GLN A 170 11.74 44.60 -4.74
N ALA A 171 10.84 43.62 -4.76
CA ALA A 171 11.26 42.25 -5.03
C ALA A 171 11.84 42.18 -6.45
N VAL A 172 11.20 42.88 -7.39
CA VAL A 172 11.68 42.93 -8.77
C VAL A 172 13.05 43.58 -8.83
N ALA A 173 13.17 44.72 -8.16
CA ALA A 173 14.42 45.47 -8.20
C ALA A 173 15.57 44.66 -7.59
N ARG A 174 15.34 44.06 -6.43
CA ARG A 174 16.37 43.22 -5.82
C ARG A 174 16.72 42.00 -6.67
N GLU A 175 15.72 41.23 -7.08
CA GLU A 175 16.00 40.07 -7.93
C GLU A 175 16.82 40.44 -9.16
N VAL A 176 16.45 41.53 -9.81
CA VAL A 176 17.15 41.96 -11.01
C VAL A 176 18.57 42.38 -10.66
N MET A 177 18.73 43.00 -9.50
CA MET A 177 20.06 43.42 -9.08
C MET A 177 20.94 42.20 -8.86
N GLU A 178 20.39 41.14 -8.27
CA GLU A 178 21.20 40.01 -7.88
C GLU A 178 21.54 39.10 -9.05
N GLU A 179 20.55 38.80 -9.88
CA GLU A 179 20.79 37.89 -10.97
C GLU A 179 21.58 38.54 -12.11
N SER A 180 21.36 39.84 -12.32
CA SER A 180 21.87 40.52 -13.51
C SER A 180 22.81 41.66 -13.19
N GLY A 181 22.61 42.27 -12.03
CA GLY A 181 23.49 43.35 -11.61
C GLY A 181 23.16 44.66 -12.29
N ILE A 182 21.97 44.76 -12.86
CA ILE A 182 21.53 46.02 -13.44
C ILE A 182 20.38 46.65 -12.66
N LYS A 183 20.15 47.93 -12.93
CA LYS A 183 19.14 48.69 -12.22
C LYS A 183 17.98 49.06 -13.15
N VAL A 184 16.74 48.87 -12.69
CA VAL A 184 15.59 49.07 -13.57
C VAL A 184 14.69 50.22 -13.13
N LYS A 185 13.79 50.62 -14.02
CA LYS A 185 12.86 51.72 -13.75
C LYS A 185 11.56 51.57 -14.54
N ASN A 186 10.55 52.29 -14.10
CA ASN A 186 9.25 52.32 -14.75
C ASN A 186 8.63 50.96 -14.80
N LEU A 187 8.55 50.30 -13.65
CA LEU A 187 7.90 48.99 -13.54
C LEU A 187 6.43 49.15 -13.89
N ARG A 188 5.93 48.23 -14.69
CA ARG A 188 4.53 48.18 -15.09
C ARG A 188 4.03 46.77 -14.84
N TYR A 189 3.02 46.65 -13.98
CA TYR A 189 2.32 45.39 -13.80
C TYR A 189 1.57 44.92 -15.06
N VAL A 190 1.65 43.63 -15.34
CA VAL A 190 1.05 43.09 -16.53
C VAL A 190 -0.06 42.12 -16.17
N THR A 191 0.27 41.13 -15.33
CA THR A 191 -0.68 40.08 -14.96
C THR A 191 -0.15 39.23 -13.83
N SER A 192 -0.95 38.26 -13.40
CA SER A 192 -0.57 37.28 -12.38
C SER A 192 -1.06 35.87 -12.77
N GLN A 193 -0.37 34.86 -12.27
CA GLN A 193 -0.60 33.47 -12.66
C GLN A 193 -0.15 32.54 -11.54
N PRO A 194 -1.06 31.71 -11.02
CA PRO A 194 -0.71 30.76 -9.95
C PRO A 194 0.20 29.67 -10.48
N TRP A 195 1.02 29.09 -9.62
CA TRP A 195 1.91 28.01 -10.03
C TRP A 195 1.84 26.86 -9.04
N PRO A 196 1.59 25.64 -9.55
CA PRO A 196 1.31 24.45 -8.73
C PRO A 196 2.43 24.05 -7.76
N PHE A 197 3.64 23.82 -8.26
CA PHE A 197 4.73 23.38 -7.38
C PHE A 197 6.11 23.96 -7.68
N PRO A 198 6.69 24.66 -6.70
CA PRO A 198 6.07 24.88 -5.39
C PRO A 198 4.98 25.95 -5.47
N GLN A 199 3.99 25.84 -4.60
CA GLN A 199 2.84 26.73 -4.63
C GLN A 199 3.27 28.17 -4.65
N SER A 200 2.89 28.89 -5.69
CA SER A 200 3.28 30.28 -5.80
C SER A 200 2.38 31.05 -6.73
N LEU A 201 2.30 32.36 -6.47
CA LEU A 201 1.55 33.25 -7.32
C LEU A 201 2.54 34.23 -7.90
N MET A 202 2.82 34.09 -9.19
CA MET A 202 3.78 34.98 -9.78
C MET A 202 3.05 36.17 -10.38
N THR A 203 3.64 37.34 -10.20
CA THR A 203 3.15 38.59 -10.76
C THR A 203 4.13 39.02 -11.85
N ALA A 204 3.57 39.32 -13.02
CA ALA A 204 4.37 39.69 -14.19
C ALA A 204 4.58 41.19 -14.31
N PHE A 205 5.83 41.60 -14.50
CA PHE A 205 6.18 43.00 -14.67
C PHE A 205 7.01 43.26 -15.91
N MET A 206 6.70 44.33 -16.63
CA MET A 206 7.67 44.89 -17.58
C MET A 206 8.49 45.96 -16.85
N ALA A 207 9.80 45.99 -17.11
CA ALA A 207 10.67 47.07 -16.61
C ALA A 207 11.52 47.62 -17.74
N GLU A 208 12.08 48.81 -17.56
CA GLU A 208 13.09 49.23 -18.51
C GLU A 208 14.43 49.47 -17.88
N TYR A 209 15.45 49.29 -18.69
CA TYR A 209 16.82 49.43 -18.25
C TYR A 209 17.04 50.86 -17.76
N ASP A 210 17.65 51.00 -16.59
CA ASP A 210 18.03 52.30 -16.06
C ASP A 210 19.54 52.51 -16.06
N SER A 211 20.27 51.58 -15.47
CA SER A 211 21.72 51.72 -15.34
C SER A 211 22.41 50.37 -15.10
N GLY A 212 23.68 50.30 -15.48
CA GLY A 212 24.49 49.13 -15.22
C GLY A 212 24.86 48.28 -16.42
N ASP A 213 25.83 47.41 -16.22
CA ASP A 213 26.21 46.41 -17.21
C ASP A 213 25.87 45.00 -16.66
N ILE A 214 25.63 44.06 -17.57
CA ILE A 214 25.21 42.72 -17.18
C ILE A 214 26.28 41.95 -16.41
N VAL A 215 25.95 41.59 -15.16
CA VAL A 215 26.86 40.83 -14.33
C VAL A 215 26.13 39.60 -13.79
N ILE A 216 26.05 38.57 -14.62
CA ILE A 216 25.26 37.41 -14.28
C ILE A 216 25.75 36.72 -13.01
N ASP A 217 24.81 36.22 -12.22
CA ASP A 217 25.11 35.32 -11.11
C ASP A 217 25.36 33.97 -11.76
N PRO A 218 26.62 33.54 -11.92
CA PRO A 218 26.87 32.33 -12.71
C PRO A 218 26.26 31.08 -12.07
N LYS A 219 26.00 31.15 -10.76
CA LYS A 219 25.36 30.03 -10.09
C LYS A 219 23.91 29.92 -10.55
N GLU A 220 23.30 31.06 -10.87
CA GLU A 220 21.90 31.09 -11.27
C GLU A 220 21.67 31.14 -12.76
N LEU A 221 22.57 31.81 -13.49
CA LEU A 221 22.35 32.06 -14.91
C LEU A 221 23.50 31.57 -15.77
N LEU A 222 23.19 30.75 -16.77
CA LEU A 222 24.19 30.36 -17.76
C LEU A 222 24.74 31.63 -18.42
N GLU A 223 23.83 32.47 -18.93
CA GLU A 223 24.22 33.74 -19.55
C GLU A 223 23.03 34.65 -19.80
N ALA A 224 23.29 35.95 -19.85
CA ALA A 224 22.27 36.95 -20.10
C ALA A 224 22.73 37.92 -21.20
N ASN A 225 21.81 38.27 -22.09
CA ASN A 225 22.14 39.17 -23.20
C ASN A 225 20.96 40.05 -23.63
N TRP A 226 21.27 41.16 -24.31
CA TRP A 226 20.25 42.00 -24.89
C TRP A 226 20.00 41.54 -26.31
N TYR A 227 18.80 41.06 -26.60
CA TYR A 227 18.50 40.67 -27.96
C TYR A 227 17.47 41.61 -28.55
N ARG A 228 17.65 41.98 -29.81
CA ARG A 228 16.72 42.89 -30.45
C ARG A 228 15.34 42.23 -30.58
N TYR A 229 14.30 43.06 -30.69
CA TYR A 229 12.91 42.58 -30.64
C TYR A 229 12.51 41.81 -31.89
N ASP A 230 13.37 41.84 -32.90
CA ASP A 230 13.09 41.13 -34.14
C ASP A 230 14.20 40.16 -34.49
N ASP A 231 15.20 40.10 -33.62
CA ASP A 231 16.25 39.12 -33.74
C ASP A 231 16.38 38.35 -32.45
N LEU A 232 15.39 37.49 -32.23
CA LEU A 232 15.23 36.77 -31.00
C LEU A 232 15.72 35.38 -31.12
N PRO A 233 16.07 34.79 -30.00
CA PRO A 233 16.34 33.38 -29.93
C PRO A 233 15.12 32.54 -29.59
N LEU A 234 15.38 31.32 -29.17
CA LEU A 234 14.34 30.45 -28.72
C LEU A 234 13.78 31.10 -27.51
N LEU A 235 12.49 30.89 -27.27
CA LEU A 235 11.76 31.53 -26.20
C LEU A 235 10.97 30.50 -25.53
N PRO A 236 10.48 30.77 -24.33
CA PRO A 236 9.51 29.86 -23.71
C PRO A 236 8.29 29.71 -24.62
N PRO A 237 7.65 28.53 -24.60
CA PRO A 237 6.50 28.24 -25.46
C PRO A 237 5.32 29.17 -25.25
N PRO A 238 4.53 29.40 -26.30
CA PRO A 238 3.26 30.13 -26.17
C PRO A 238 2.33 29.43 -25.20
N GLY A 239 1.62 30.19 -24.38
CA GLY A 239 0.77 29.63 -23.34
C GLY A 239 1.37 29.89 -21.97
N THR A 240 2.67 30.18 -21.94
CA THR A 240 3.37 30.52 -20.71
C THR A 240 3.42 32.02 -20.47
N VAL A 241 3.47 32.42 -19.20
CA VAL A 241 3.47 33.84 -18.85
C VAL A 241 4.71 34.56 -19.37
N ALA A 242 5.86 33.92 -19.25
CA ALA A 242 7.14 34.51 -19.65
C ALA A 242 7.10 34.92 -21.10
N ARG A 243 6.50 34.06 -21.91
CA ARG A 243 6.39 34.29 -23.34
C ARG A 243 5.47 35.47 -23.59
N ARG A 244 4.38 35.53 -22.84
CA ARG A 244 3.46 36.63 -22.99
C ARG A 244 4.13 37.96 -22.68
N LEU A 245 5.02 37.94 -21.70
CA LEU A 245 5.72 39.15 -21.29
C LEU A 245 6.65 39.55 -22.39
N ILE A 246 7.41 38.58 -22.89
CA ILE A 246 8.34 38.87 -23.97
C ILE A 246 7.59 39.48 -25.17
N GLU A 247 6.43 38.93 -25.46
CA GLU A 247 5.56 39.44 -26.53
C GLU A 247 5.14 40.89 -26.28
N ASP A 248 4.74 41.18 -25.05
CA ASP A 248 4.36 42.53 -24.66
C ASP A 248 5.51 43.51 -24.82
N THR A 249 6.71 43.06 -24.45
CA THR A 249 7.89 43.89 -24.60
C THR A 249 8.18 44.13 -26.08
N VAL A 250 8.13 43.07 -26.89
CA VAL A 250 8.40 43.22 -28.31
C VAL A 250 7.41 44.23 -28.84
N ALA A 251 6.19 44.18 -28.31
CA ALA A 251 5.16 45.14 -28.71
C ALA A 251 5.59 46.56 -28.37
N MET A 252 6.13 46.77 -27.18
CA MET A 252 6.69 48.08 -26.81
C MET A 252 7.77 48.58 -27.79
N CYS A 253 8.75 47.72 -28.06
CA CYS A 253 9.80 48.07 -28.99
C CYS A 253 9.25 48.46 -30.36
N ARG A 254 8.33 47.67 -30.86
CA ARG A 254 7.75 47.91 -32.17
C ARG A 254 7.06 49.21 -32.17
N ALA A 255 6.48 49.54 -31.05
CA ALA A 255 5.78 50.79 -30.94
C ALA A 255 6.71 51.98 -31.05
N GLU A 256 7.83 51.94 -30.38
CA GLU A 256 8.82 52.97 -30.55
C GLU A 256 9.61 53.03 -31.85
N TYR A 257 10.13 51.91 -32.32
CA TYR A 257 11.03 51.96 -33.47
C TYR A 257 10.48 51.70 -34.88
N GLU A 258 9.26 51.20 -34.97
CA GLU A 258 8.61 50.99 -36.26
C GLU A 258 7.44 51.96 -36.48
N MET B 2 -9.33 -2.30 14.70
CA MET B 2 -8.07 -1.69 15.11
C MET B 2 -7.38 -1.08 13.89
N ASP B 3 -6.45 -1.85 13.32
CA ASP B 3 -5.73 -1.48 12.10
C ASP B 3 -4.88 -0.18 12.12
N ARG B 4 -4.28 0.11 10.97
CA ARG B 4 -3.47 1.30 10.71
C ARG B 4 -2.82 1.14 9.33
N ILE B 5 -2.21 2.23 8.85
CA ILE B 5 -1.40 2.16 7.65
C ILE B 5 0.08 2.05 8.02
N ILE B 6 0.77 1.12 7.37
CA ILE B 6 2.15 0.83 7.73
C ILE B 6 3.10 1.97 7.38
N GLU B 7 3.70 2.58 8.40
CA GLU B 7 4.72 3.60 8.18
C GLU B 7 6.07 2.94 8.07
N LYS B 8 7.06 3.65 7.53
CA LYS B 8 8.42 3.18 7.62
C LYS B 8 8.76 3.02 9.10
N LEU B 9 9.61 2.03 9.39
CA LEU B 9 10.26 1.86 10.70
C LEU B 9 9.49 1.09 11.77
N ASP B 10 8.22 0.78 11.54
CA ASP B 10 7.57 -0.17 12.44
C ASP B 10 7.94 -1.59 12.01
N HIS B 11 7.92 -2.51 12.97
CA HIS B 11 8.43 -3.83 12.71
C HIS B 11 7.70 -4.91 13.51
N GLY B 12 8.01 -6.17 13.24
CA GLY B 12 7.44 -7.26 14.00
C GLY B 12 7.20 -8.46 13.13
N TRP B 13 6.01 -9.05 13.26
CA TRP B 13 5.68 -10.24 12.51
C TRP B 13 4.65 -9.86 11.48
N TRP B 14 4.84 -10.29 10.24
CA TRP B 14 3.93 -9.92 9.16
C TRP B 14 3.29 -11.11 8.48
N VAL B 15 2.00 -11.31 8.73
CA VAL B 15 1.23 -12.27 7.91
C VAL B 15 0.65 -11.57 6.69
N VAL B 16 1.32 -11.75 5.56
CA VAL B 16 0.88 -11.13 4.32
C VAL B 16 0.14 -12.22 3.55
N SER B 17 -1.17 -12.14 3.54
CA SER B 17 -2.00 -13.25 3.08
C SER B 17 -2.97 -12.91 1.95
N HIS B 18 -3.09 -13.82 1.00
CA HIS B 18 -4.07 -13.69 -0.06
C HIS B 18 -4.45 -15.06 -0.58
N GLU B 19 -5.75 -15.34 -0.63
CA GLU B 19 -6.27 -16.59 -1.12
C GLU B 19 -5.61 -17.84 -0.51
N GLN B 20 -5.81 -18.03 0.79
CA GLN B 20 -5.31 -19.22 1.50
C GLN B 20 -3.79 -19.32 1.62
N LYS B 21 -3.05 -18.36 1.08
CA LYS B 21 -1.59 -18.38 1.15
C LYS B 21 -1.01 -17.22 1.96
N LEU B 22 0.19 -17.39 2.48
CA LEU B 22 0.87 -16.26 3.10
C LEU B 22 2.29 -16.17 2.58
N TRP B 23 2.84 -14.97 2.61
CA TRP B 23 4.16 -14.68 2.08
C TRP B 23 5.27 -15.27 2.95
N LEU B 24 6.03 -16.21 2.40
CA LEU B 24 7.11 -16.86 3.15
C LEU B 24 8.48 -16.73 2.50
N PRO B 25 9.14 -15.56 2.66
CA PRO B 25 10.49 -15.29 2.17
C PRO B 25 11.55 -16.21 2.83
N LYS B 26 12.40 -16.80 2.00
CA LYS B 26 13.47 -17.66 2.49
C LYS B 26 12.89 -18.78 3.34
N GLY B 27 11.63 -19.14 3.06
CA GLY B 27 10.95 -20.22 3.77
C GLY B 27 10.40 -19.82 5.13
N GLU B 28 10.49 -18.53 5.46
CA GLU B 28 10.18 -18.10 6.83
C GLU B 28 9.04 -17.10 6.96
N LEU B 29 8.36 -17.14 8.10
CA LEU B 29 7.42 -16.10 8.47
C LEU B 29 8.16 -14.78 8.67
N PRO B 30 7.79 -13.76 7.89
CA PRO B 30 8.47 -12.46 7.97
C PRO B 30 8.53 -11.86 9.38
N TYR B 31 9.75 -11.57 9.84
CA TYR B 31 10.02 -10.81 11.07
C TYR B 31 11.01 -9.66 10.86
N GLY B 32 10.50 -8.43 10.88
CA GLY B 32 11.39 -7.29 10.78
C GLY B 32 10.72 -5.99 10.42
N GLU B 33 11.50 -5.15 9.77
CA GLU B 33 11.12 -3.81 9.32
C GLU B 33 10.19 -3.80 8.09
N ALA B 34 9.15 -2.96 8.15
CA ALA B 34 8.22 -2.74 7.03
C ALA B 34 8.82 -2.45 5.64
N ALA B 35 9.75 -1.49 5.56
CA ALA B 35 10.27 -1.08 4.25
C ALA B 35 11.19 -2.13 3.66
N ASN B 36 11.75 -2.96 4.53
CA ASN B 36 12.53 -4.12 4.09
C ASN B 36 11.63 -5.14 3.41
N PHE B 37 10.40 -5.24 3.90
CA PHE B 37 9.46 -6.18 3.32
C PHE B 37 8.53 -5.49 2.32
N ASP B 38 8.93 -4.33 1.81
CA ASP B 38 8.09 -3.58 0.87
C ASP B 38 6.65 -3.44 1.35
N LEU B 39 6.47 -2.91 2.55
CA LEU B 39 5.16 -2.91 3.15
C LEU B 39 4.68 -1.55 3.56
N VAL B 40 5.50 -0.51 3.42
CA VAL B 40 5.02 0.81 3.81
C VAL B 40 3.96 1.31 2.85
N GLY B 41 2.99 2.04 3.38
CA GLY B 41 1.92 2.59 2.59
C GLY B 41 0.76 1.64 2.55
N GLN B 42 1.02 0.43 3.00
CA GLN B 42 0.01 -0.61 3.11
C GLN B 42 -0.78 -0.57 4.39
N ARG B 43 -1.91 -1.25 4.35
CA ARG B 43 -2.84 -1.29 5.44
C ARG B 43 -2.52 -2.51 6.29
N ALA B 44 -2.35 -2.33 7.60
CA ALA B 44 -2.06 -3.48 8.45
C ALA B 44 -3.14 -3.63 9.52
N LEU B 45 -3.30 -4.83 10.01
CA LEU B 45 -4.30 -5.12 11.02
C LEU B 45 -3.58 -5.95 12.06
N GLN B 46 -3.64 -5.54 13.31
CA GLN B 46 -2.98 -6.32 14.35
C GLN B 46 -3.90 -7.38 14.88
N ILE B 47 -3.56 -8.63 14.60
CA ILE B 47 -4.40 -9.76 14.97
C ILE B 47 -3.96 -10.35 16.29
N GLY B 48 -3.00 -9.72 16.93
CA GLY B 48 -2.49 -10.27 18.16
C GLY B 48 -1.04 -9.94 18.42
N GLU B 49 -0.49 -10.48 19.50
CA GLU B 49 0.88 -10.25 19.89
C GLU B 49 1.55 -11.57 20.19
N TRP B 50 2.80 -11.69 19.79
CA TRP B 50 3.59 -12.86 20.10
C TRP B 50 4.82 -12.40 20.85
N GLN B 51 4.99 -12.92 22.05
CA GLN B 51 6.11 -12.59 22.92
C GLN B 51 6.35 -11.09 22.99
N GLY B 52 5.27 -10.32 23.05
CA GLY B 52 5.33 -8.89 23.20
C GLY B 52 5.38 -8.06 21.93
N GLU B 53 5.60 -8.71 20.78
CA GLU B 53 5.68 -7.99 19.50
C GLU B 53 4.42 -8.24 18.67
N PRO B 54 3.94 -7.20 17.95
CA PRO B 54 2.67 -7.31 17.22
C PRO B 54 2.78 -8.23 16.01
N VAL B 55 1.69 -8.90 15.69
CA VAL B 55 1.59 -9.66 14.47
C VAL B 55 0.59 -8.96 13.55
N TRP B 56 1.02 -8.56 12.38
CA TRP B 56 0.16 -7.78 11.50
C TRP B 56 -0.40 -8.66 10.40
N LEU B 57 -1.68 -8.46 10.09
CA LEU B 57 -2.32 -9.07 8.93
C LEU B 57 -2.35 -8.04 7.82
N VAL B 58 -1.58 -8.32 6.77
CA VAL B 58 -1.56 -7.44 5.60
C VAL B 58 -2.19 -8.24 4.49
N GLN B 59 -3.20 -7.66 3.85
CA GLN B 59 -3.90 -8.33 2.78
C GLN B 59 -3.41 -7.83 1.46
N GLN B 60 -2.36 -8.49 0.96
CA GLN B 60 -1.75 -8.13 -0.30
C GLN B 60 -1.31 -9.43 -0.92
N GLN B 61 -1.38 -9.53 -2.24
CA GLN B 61 -0.76 -10.70 -2.87
C GLN B 61 0.62 -10.34 -3.40
N ARG B 62 1.62 -11.05 -2.93
CA ARG B 62 2.96 -10.88 -3.46
C ARG B 62 2.99 -11.73 -4.70
N ARG B 63 3.89 -11.42 -5.61
CA ARG B 63 4.02 -12.17 -6.86
C ARG B 63 4.94 -13.38 -6.71
N HIS B 64 5.43 -13.64 -5.51
CA HIS B 64 6.36 -14.74 -5.32
C HIS B 64 6.47 -15.12 -3.86
N ASP B 65 7.00 -16.32 -3.64
CA ASP B 65 7.23 -16.87 -2.31
C ASP B 65 5.96 -16.98 -1.47
N MET B 66 4.83 -17.16 -2.14
CA MET B 66 3.56 -17.36 -1.44
C MET B 66 3.38 -18.84 -1.19
N GLY B 67 3.23 -19.21 0.07
CA GLY B 67 3.15 -20.63 0.38
C GLY B 67 1.99 -20.93 1.28
N SER B 68 1.76 -22.22 1.51
CA SER B 68 0.75 -22.60 2.50
C SER B 68 1.30 -22.41 3.91
N VAL B 69 0.42 -22.16 4.84
CA VAL B 69 0.72 -21.88 6.21
C VAL B 69 1.25 -23.14 6.83
N ARG B 70 1.07 -24.19 6.11
CA ARG B 70 1.63 -25.43 6.50
C ARG B 70 3.14 -25.59 6.33
N GLN B 71 3.77 -24.63 5.69
CA GLN B 71 5.19 -24.61 5.52
C GLN B 71 5.89 -24.00 6.72
N VAL B 72 5.12 -23.45 7.63
CA VAL B 72 5.59 -22.94 8.89
C VAL B 72 5.02 -23.64 10.11
N ILE B 73 4.78 -24.92 10.00
CA ILE B 73 4.16 -25.65 11.08
C ILE B 73 5.18 -25.87 12.20
N ASP B 74 6.46 -25.76 11.85
CA ASP B 74 7.53 -25.93 12.83
C ASP B 74 7.68 -24.69 13.68
N LEU B 75 6.73 -23.78 13.54
CA LEU B 75 6.70 -22.59 14.37
C LEU B 75 6.20 -22.96 15.74
N ASP B 76 6.52 -22.11 16.70
CA ASP B 76 5.93 -22.24 18.02
C ASP B 76 4.44 -22.20 17.83
N VAL B 77 3.76 -23.03 18.60
CA VAL B 77 2.30 -23.16 18.53
C VAL B 77 1.53 -21.84 18.59
N GLY B 78 1.88 -20.95 19.51
CA GLY B 78 1.18 -19.67 19.64
C GLY B 78 1.35 -18.78 18.43
N LEU B 79 2.56 -18.82 17.86
CA LEU B 79 2.84 -18.02 16.68
C LEU B 79 2.07 -18.60 15.49
N PHE B 80 2.13 -19.92 15.34
CA PHE B 80 1.48 -20.58 14.21
C PHE B 80 0.00 -20.30 14.29
N GLN B 81 -0.50 -20.33 15.52
CA GLN B 81 -1.86 -19.94 15.83
C GLN B 81 -2.15 -18.56 15.23
N LEU B 82 -1.31 -17.57 15.56
CA LEU B 82 -1.55 -16.22 15.04
C LEU B 82 -1.52 -16.14 13.52
N ALA B 83 -0.58 -16.87 12.90
CA ALA B 83 -0.41 -16.85 11.46
C ALA B 83 -1.64 -17.41 10.74
N GLY B 84 -2.09 -18.57 11.23
CA GLY B 84 -3.23 -19.22 10.65
C GLY B 84 -4.42 -18.33 10.84
N ARG B 85 -4.47 -17.68 11.98
CA ARG B 85 -5.55 -16.75 12.22
C ARG B 85 -5.54 -15.68 11.14
N GLY B 86 -4.36 -15.16 10.82
CA GLY B 86 -4.28 -14.11 9.82
C GLY B 86 -4.77 -14.57 8.46
N VAL B 87 -4.38 -15.78 8.08
CA VAL B 87 -4.78 -16.31 6.79
C VAL B 87 -6.32 -16.48 6.73
N GLN B 88 -6.88 -16.95 7.84
CA GLN B 88 -8.31 -17.17 7.92
C GLN B 88 -9.06 -15.85 7.85
N LEU B 89 -8.53 -14.84 8.53
CA LEU B 89 -9.17 -13.53 8.53
C LEU B 89 -9.09 -12.91 7.14
N ALA B 90 -7.96 -13.08 6.47
CA ALA B 90 -7.81 -12.66 5.09
C ALA B 90 -8.90 -13.28 4.23
N GLU B 91 -9.07 -14.59 4.36
CA GLU B 91 -10.11 -15.27 3.59
C GLU B 91 -11.51 -14.81 3.96
N PHE B 92 -11.74 -14.59 5.24
CA PHE B 92 -13.05 -14.16 5.72
C PHE B 92 -13.41 -12.84 5.07
N TYR B 93 -12.49 -11.87 5.15
CA TYR B 93 -12.67 -10.57 4.52
C TYR B 93 -12.89 -10.66 3.01
N ARG B 94 -12.11 -11.50 2.34
CA ARG B 94 -12.24 -11.62 0.89
C ARG B 94 -13.60 -12.22 0.52
N SER B 95 -14.14 -13.04 1.40
CA SER B 95 -15.41 -13.71 1.14
C SER B 95 -16.64 -12.89 1.59
N HIS B 96 -16.43 -11.72 2.19
CA HIS B 96 -17.54 -10.91 2.65
C HIS B 96 -17.32 -9.45 2.27
N LYS B 97 -16.56 -9.26 1.21
CA LYS B 97 -16.37 -7.91 0.71
C LYS B 97 -17.70 -7.29 0.29
N TYR B 98 -18.55 -8.05 -0.35
CA TYR B 98 -19.89 -7.58 -0.69
C TYR B 98 -20.83 -8.39 0.08
N CYS B 99 -21.94 -7.78 0.44
CA CYS B 99 -22.95 -8.40 1.24
C CYS B 99 -23.78 -9.37 0.45
N GLY B 100 -23.91 -10.55 0.99
CA GLY B 100 -24.71 -11.57 0.40
C GLY B 100 -26.13 -11.22 0.34
N TYR B 101 -26.62 -10.54 1.34
CA TYR B 101 -27.93 -9.98 1.29
C TYR B 101 -28.26 -8.84 0.33
N CYS B 102 -27.49 -7.77 0.30
CA CYS B 102 -27.81 -6.60 -0.50
C CYS B 102 -26.90 -6.32 -1.62
N GLY B 103 -25.80 -7.04 -1.71
CA GLY B 103 -24.91 -6.95 -2.85
C GLY B 103 -23.99 -5.75 -2.76
N HIS B 104 -24.15 -4.97 -1.70
CA HIS B 104 -23.37 -3.75 -1.50
C HIS B 104 -22.12 -3.98 -0.66
N GLU B 105 -21.14 -3.10 -0.82
CA GLU B 105 -19.87 -3.25 -0.11
C GLU B 105 -20.04 -3.21 1.40
N MET B 106 -19.39 -4.15 2.07
CA MET B 106 -19.42 -4.21 3.52
C MET B 106 -18.15 -3.58 4.03
N TYR B 107 -18.17 -3.18 5.29
CA TYR B 107 -16.98 -2.74 5.98
C TYR B 107 -16.72 -3.62 7.23
N PRO B 108 -15.44 -3.79 7.58
CA PRO B 108 -15.06 -4.61 8.75
C PRO B 108 -15.43 -3.95 10.06
N SER B 109 -15.92 -4.73 11.01
CA SER B 109 -16.21 -4.23 12.35
C SER B 109 -14.89 -3.75 12.94
N LYS B 110 -14.93 -2.69 13.74
CA LYS B 110 -13.70 -2.17 14.34
C LYS B 110 -13.57 -2.66 15.78
N THR B 111 -14.56 -3.43 16.22
CA THR B 111 -14.57 -3.93 17.59
C THR B 111 -14.60 -5.47 17.64
N GLU B 112 -15.08 -6.08 16.56
CA GLU B 112 -15.20 -7.53 16.50
C GLU B 112 -14.57 -8.09 15.25
N TRP B 113 -14.44 -9.40 15.21
CA TRP B 113 -14.15 -10.06 13.94
C TRP B 113 -15.45 -10.24 13.17
N ALA B 114 -15.84 -9.25 12.40
CA ALA B 114 -17.15 -9.26 11.76
C ALA B 114 -17.18 -8.35 10.56
N MET B 115 -18.17 -8.53 9.72
CA MET B 115 -18.41 -7.63 8.62
C MET B 115 -19.79 -7.03 8.65
N LEU B 116 -19.87 -5.71 8.46
CA LEU B 116 -21.11 -4.95 8.55
C LEU B 116 -21.47 -4.33 7.25
N CYS B 117 -22.72 -4.43 6.83
CA CYS B 117 -23.13 -3.90 5.53
C CYS B 117 -23.11 -2.41 5.22
N SER B 118 -23.68 -1.61 6.10
CA SER B 118 -23.87 -0.18 5.89
C SER B 118 -25.10 0.15 5.06
N HIS B 119 -25.75 -0.85 4.51
CA HIS B 119 -27.00 -0.65 3.87
C HIS B 119 -28.13 -1.29 4.61
N CYS B 120 -27.82 -2.36 5.29
CA CYS B 120 -28.73 -3.09 6.08
C CYS B 120 -27.94 -3.54 7.29
N ARG B 121 -28.62 -3.95 8.31
CA ARG B 121 -28.00 -4.18 9.58
C ARG B 121 -27.64 -5.63 9.64
N GLU B 122 -27.52 -6.19 8.47
CA GLU B 122 -27.13 -7.59 8.40
C GLU B 122 -25.62 -7.66 8.53
N ARG B 123 -25.12 -8.75 9.12
CA ARG B 123 -23.68 -8.91 9.34
C ARG B 123 -23.23 -10.35 9.17
N TYR B 124 -21.91 -10.55 9.24
CA TYR B 124 -21.29 -11.87 9.12
C TYR B 124 -20.25 -12.14 10.21
N TYR B 125 -20.13 -13.40 10.59
CA TYR B 125 -19.21 -13.80 11.63
C TYR B 125 -18.38 -14.97 11.12
N PRO B 126 -17.16 -15.11 11.64
CA PRO B 126 -16.29 -16.21 11.24
C PRO B 126 -16.92 -17.53 11.70
N GLN B 127 -16.66 -18.59 10.94
CA GLN B 127 -17.36 -19.83 11.15
C GLN B 127 -16.39 -20.90 11.56
N ILE B 128 -16.90 -21.92 12.25
CA ILE B 128 -16.05 -23.00 12.68
C ILE B 128 -16.51 -24.32 12.09
N ALA B 129 -15.61 -24.99 11.38
CA ALA B 129 -15.92 -26.29 10.81
C ALA B 129 -15.63 -27.35 11.84
N PRO B 130 -16.68 -27.97 12.42
CA PRO B 130 -16.41 -29.12 13.28
C PRO B 130 -15.90 -30.29 12.47
N CYS B 131 -14.85 -30.94 12.98
CA CYS B 131 -14.37 -32.11 12.28
C CYS B 131 -13.98 -33.18 13.29
N ILE B 132 -13.92 -34.43 12.83
CA ILE B 132 -13.41 -35.51 13.66
C ILE B 132 -12.01 -36.03 13.28
N ILE B 133 -11.45 -36.76 14.22
CA ILE B 133 -10.16 -37.41 14.05
C ILE B 133 -10.21 -38.67 14.91
N VAL B 134 -9.83 -39.81 14.33
CA VAL B 134 -10.04 -41.08 14.98
C VAL B 134 -8.84 -42.04 14.83
N ALA B 135 -8.50 -42.69 15.94
CA ALA B 135 -7.53 -43.77 15.97
C ALA B 135 -8.27 -45.11 16.17
N ILE B 136 -8.19 -46.00 15.19
CA ILE B 136 -8.81 -47.31 15.19
C ILE B 136 -7.90 -48.39 15.73
N ARG B 137 -8.44 -49.19 16.61
CA ARG B 137 -7.68 -50.20 17.27
C ARG B 137 -8.23 -51.56 16.98
N ARG B 138 -7.35 -52.50 16.75
CA ARG B 138 -7.66 -53.90 16.61
C ARG B 138 -6.80 -54.74 17.53
N ASP B 139 -7.37 -55.12 18.66
CA ASP B 139 -6.69 -55.88 19.69
C ASP B 139 -5.41 -55.22 20.17
N ASP B 140 -4.28 -55.75 19.72
CA ASP B 140 -2.95 -55.28 20.10
C ASP B 140 -2.32 -54.48 18.97
N SER B 141 -3.13 -53.98 18.06
CA SER B 141 -2.60 -53.15 16.99
C SER B 141 -3.48 -51.93 16.71
N ILE B 142 -2.92 -50.98 15.99
CA ILE B 142 -3.62 -49.75 15.63
C ILE B 142 -3.45 -49.42 14.16
N LEU B 143 -4.51 -48.90 13.54
CA LEU B 143 -4.49 -48.56 12.12
C LEU B 143 -3.81 -47.23 11.91
N LEU B 144 -2.78 -47.21 11.08
CA LEU B 144 -2.10 -45.95 10.83
C LEU B 144 -1.96 -45.81 9.34
N ALA B 145 -2.12 -44.58 8.85
CA ALA B 145 -2.19 -44.34 7.42
C ALA B 145 -1.29 -43.20 6.93
N GLN B 146 -0.70 -43.38 5.74
CA GLN B 146 -0.03 -42.27 5.06
C GLN B 146 -1.04 -41.61 4.13
N HIS B 147 -1.00 -40.28 4.05
CA HIS B 147 -1.99 -39.53 3.29
C HIS B 147 -1.44 -38.99 1.95
N THR B 148 -2.33 -38.78 0.98
CA THR B 148 -1.94 -38.05 -0.24
C THR B 148 -1.82 -36.57 0.12
N ASN B 152 4.67 -37.09 3.31
CA ASN B 152 5.26 -36.47 4.49
C ASN B 152 5.95 -37.49 5.41
N GLY B 153 5.83 -38.76 5.05
CA GLY B 153 6.50 -39.82 5.78
C GLY B 153 5.84 -40.23 7.09
N VAL B 154 4.74 -39.58 7.45
CA VAL B 154 4.12 -39.79 8.75
C VAL B 154 2.93 -40.72 8.61
N HIS B 155 2.79 -41.62 9.57
CA HIS B 155 1.63 -42.49 9.65
C HIS B 155 0.75 -42.00 10.79
N THR B 156 -0.49 -41.65 10.48
CA THR B 156 -1.39 -41.08 11.46
C THR B 156 -2.81 -41.63 11.37
N VAL B 157 -3.67 -40.96 12.10
CA VAL B 157 -5.04 -41.35 12.30
C VAL B 157 -5.84 -40.92 11.09
N LEU B 158 -7.16 -41.07 11.15
CA LEU B 158 -8.04 -40.61 10.09
C LEU B 158 -8.80 -39.35 10.49
N ALA B 159 -8.98 -38.42 9.55
CA ALA B 159 -9.70 -37.19 9.86
C ALA B 159 -10.74 -36.89 8.82
N GLY B 160 -11.79 -36.20 9.23
CA GLY B 160 -12.80 -35.80 8.27
C GLY B 160 -13.73 -34.73 8.80
N PHE B 161 -14.53 -34.16 7.92
CA PHE B 161 -15.42 -33.08 8.31
C PHE B 161 -16.81 -33.56 8.60
N VAL B 162 -17.41 -33.00 9.64
CA VAL B 162 -18.79 -33.33 10.00
C VAL B 162 -19.73 -32.73 8.98
N GLU B 163 -20.66 -33.53 8.49
CA GLU B 163 -21.60 -33.03 7.51
C GLU B 163 -22.90 -32.69 8.18
N VAL B 164 -23.70 -31.85 7.53
CA VAL B 164 -24.97 -31.41 8.07
C VAL B 164 -25.90 -32.57 8.47
N GLY B 165 -26.44 -32.47 9.67
CA GLY B 165 -27.42 -33.44 10.11
C GLY B 165 -26.85 -34.70 10.72
N GLU B 166 -25.53 -34.80 10.84
CA GLU B 166 -24.93 -35.93 11.56
C GLU B 166 -24.32 -35.57 12.91
N THR B 167 -24.23 -36.55 13.80
CA THR B 167 -23.54 -36.40 15.09
C THR B 167 -22.03 -36.67 14.93
N LEU B 168 -21.25 -36.38 15.96
CA LEU B 168 -19.81 -36.63 15.92
C LEU B 168 -19.52 -38.10 15.62
N GLU B 169 -20.24 -38.96 16.30
CA GLU B 169 -20.06 -40.39 16.18
C GLU B 169 -20.37 -40.87 14.78
N GLN B 170 -21.51 -40.41 14.26
CA GLN B 170 -21.90 -40.70 12.88
C GLN B 170 -20.85 -40.27 11.85
N ALA B 171 -20.32 -39.06 12.02
CA ALA B 171 -19.22 -38.58 11.18
C ALA B 171 -17.98 -39.46 11.26
N VAL B 172 -17.62 -39.92 12.45
CA VAL B 172 -16.49 -40.84 12.60
C VAL B 172 -16.72 -42.12 11.79
N ALA B 173 -17.90 -42.71 11.97
CA ALA B 173 -18.23 -43.94 11.27
C ALA B 173 -18.24 -43.78 9.75
N ARG B 174 -18.84 -42.67 9.29
CA ARG B 174 -18.91 -42.35 7.88
C ARG B 174 -17.54 -42.11 7.26
N GLU B 175 -16.70 -41.36 7.96
CA GLU B 175 -15.37 -41.08 7.45
C GLU B 175 -14.55 -42.36 7.36
N VAL B 176 -14.71 -43.21 8.37
CA VAL B 176 -13.89 -44.40 8.43
C VAL B 176 -14.32 -45.29 7.28
N MET B 177 -15.63 -45.47 7.14
CA MET B 177 -16.14 -46.30 6.07
C MET B 177 -15.77 -45.75 4.70
N GLU B 178 -15.86 -44.44 4.53
CA GLU B 178 -15.56 -43.84 3.25
C GLU B 178 -14.10 -44.02 2.87
N GLU B 179 -13.20 -43.85 3.85
CA GLU B 179 -11.76 -43.93 3.60
C GLU B 179 -11.21 -45.35 3.61
N SER B 180 -11.53 -46.11 4.65
CA SER B 180 -10.94 -47.46 4.78
C SER B 180 -11.91 -48.57 4.48
N GLY B 181 -13.20 -48.27 4.60
CA GLY B 181 -14.21 -49.26 4.27
C GLY B 181 -14.45 -50.22 5.42
N ILE B 182 -13.99 -49.84 6.61
CA ILE B 182 -14.28 -50.65 7.79
C ILE B 182 -15.37 -50.07 8.69
N LYS B 183 -15.90 -50.95 9.54
CA LYS B 183 -16.91 -50.63 10.55
C LYS B 183 -16.26 -50.62 11.93
N VAL B 184 -16.48 -49.55 12.67
CA VAL B 184 -15.89 -49.41 14.00
C VAL B 184 -16.96 -49.56 15.09
N LYS B 185 -16.50 -49.85 16.30
CA LYS B 185 -17.41 -49.95 17.44
C LYS B 185 -16.73 -49.35 18.66
N ASN B 186 -17.53 -49.10 19.70
CA ASN B 186 -17.03 -48.58 20.96
C ASN B 186 -16.24 -47.28 20.83
N LEU B 187 -16.88 -46.25 20.29
CA LEU B 187 -16.23 -44.95 20.18
C LEU B 187 -16.03 -44.40 21.58
N ARG B 188 -14.92 -43.70 21.77
CA ARG B 188 -14.70 -43.00 23.01
C ARG B 188 -14.13 -41.61 22.68
N TYR B 189 -14.72 -40.57 23.25
CA TYR B 189 -14.25 -39.21 23.04
C TYR B 189 -12.99 -39.02 23.87
N VAL B 190 -11.98 -38.40 23.28
CA VAL B 190 -10.71 -38.21 23.96
C VAL B 190 -10.51 -36.74 24.33
N THR B 191 -10.66 -35.87 23.35
CA THR B 191 -10.47 -34.44 23.57
C THR B 191 -10.86 -33.66 22.33
N SER B 192 -10.67 -32.35 22.37
CA SER B 192 -10.94 -31.46 21.24
C SER B 192 -9.88 -30.36 21.13
N GLN B 193 -9.63 -29.86 19.92
CA GLN B 193 -8.68 -28.77 19.71
C GLN B 193 -8.99 -27.98 18.43
N PRO B 194 -8.97 -26.64 18.52
CA PRO B 194 -9.26 -25.83 17.33
C PRO B 194 -8.11 -25.81 16.34
N TRP B 195 -8.37 -25.45 15.10
CA TRP B 195 -7.33 -25.29 14.09
C TRP B 195 -7.54 -23.98 13.37
N PRO B 196 -6.50 -23.13 13.31
CA PRO B 196 -6.59 -21.74 12.84
C PRO B 196 -6.93 -21.65 11.35
N PHE B 197 -6.30 -22.47 10.52
CA PHE B 197 -6.64 -22.50 9.11
C PHE B 197 -6.59 -23.88 8.45
N PRO B 198 -7.72 -24.30 7.85
CA PRO B 198 -8.98 -23.56 7.92
C PRO B 198 -9.62 -23.67 9.30
N GLN B 199 -10.36 -22.64 9.70
CA GLN B 199 -10.91 -22.54 11.04
C GLN B 199 -11.80 -23.73 11.30
N SER B 200 -11.36 -24.57 12.20
CA SER B 200 -12.01 -25.83 12.40
C SER B 200 -11.84 -26.24 13.85
N LEU B 201 -12.78 -27.04 14.31
CA LEU B 201 -12.73 -27.60 15.64
C LEU B 201 -12.61 -29.11 15.54
N MET B 202 -11.49 -29.67 16.01
CA MET B 202 -11.26 -31.10 15.90
C MET B 202 -11.70 -31.81 17.17
N THR B 203 -12.50 -32.88 17.02
CA THR B 203 -12.80 -33.76 18.15
C THR B 203 -12.10 -35.11 17.97
N ALA B 204 -11.37 -35.54 19.00
CA ALA B 204 -10.60 -36.79 18.93
C ALA B 204 -11.36 -38.00 19.50
N PHE B 205 -11.30 -39.11 18.78
CA PHE B 205 -11.96 -40.35 19.18
C PHE B 205 -11.08 -41.58 19.05
N MET B 206 -11.28 -42.52 19.97
CA MET B 206 -10.72 -43.84 19.84
C MET B 206 -11.82 -44.76 19.37
N ALA B 207 -11.46 -45.73 18.55
CA ALA B 207 -12.43 -46.70 18.06
C ALA B 207 -11.78 -48.06 17.98
N GLU B 208 -12.61 -49.09 18.05
CA GLU B 208 -12.13 -50.44 17.83
C GLU B 208 -12.57 -50.89 16.46
N TYR B 209 -11.81 -51.77 15.85
CA TYR B 209 -12.23 -52.41 14.62
C TYR B 209 -13.40 -53.31 14.95
N ASP B 210 -14.51 -53.15 14.24
CA ASP B 210 -15.64 -54.06 14.39
C ASP B 210 -15.67 -55.05 13.23
N SER B 211 -15.75 -54.56 12.00
CA SER B 211 -15.92 -55.49 10.89
C SER B 211 -15.45 -54.86 9.61
N GLY B 212 -15.43 -55.61 8.53
CA GLY B 212 -15.01 -55.10 7.25
C GLY B 212 -13.58 -55.31 6.86
N ASP B 213 -13.33 -55.20 5.57
CA ASP B 213 -12.05 -55.49 5.01
C ASP B 213 -11.60 -54.20 4.41
N ILE B 214 -10.35 -53.83 4.59
CA ILE B 214 -9.91 -52.54 4.15
C ILE B 214 -10.15 -52.51 2.70
N VAL B 215 -10.70 -51.43 2.21
CA VAL B 215 -10.52 -50.98 0.89
C VAL B 215 -10.15 -49.56 1.10
N ILE B 216 -9.02 -49.12 0.62
CA ILE B 216 -8.75 -47.75 0.83
C ILE B 216 -8.79 -47.14 -0.52
N ASP B 217 -9.24 -45.92 -0.61
CA ASP B 217 -9.33 -45.25 -1.86
C ASP B 217 -8.25 -44.24 -1.89
N PRO B 218 -7.51 -44.23 -2.98
CA PRO B 218 -6.25 -43.53 -3.15
C PRO B 218 -6.41 -42.04 -3.21
N LYS B 219 -7.65 -41.61 -3.32
CA LYS B 219 -7.98 -40.20 -3.27
C LYS B 219 -7.55 -39.60 -1.92
N GLU B 220 -7.79 -40.34 -0.84
CA GLU B 220 -7.38 -39.87 0.49
C GLU B 220 -6.08 -40.49 0.99
N LEU B 221 -6.01 -41.81 1.01
CA LEU B 221 -4.90 -42.50 1.60
C LEU B 221 -3.95 -43.13 0.63
N LEU B 222 -2.67 -43.00 0.87
CA LEU B 222 -1.73 -43.87 0.25
C LEU B 222 -1.78 -45.30 0.74
N GLU B 223 -1.74 -45.48 2.03
CA GLU B 223 -1.84 -46.78 2.65
C GLU B 223 -2.38 -46.68 4.06
N ALA B 224 -3.04 -47.72 4.51
CA ALA B 224 -3.37 -47.85 5.89
C ALA B 224 -2.97 -49.20 6.36
N ASN B 225 -2.21 -49.32 7.41
CA ASN B 225 -1.77 -50.63 7.86
C ASN B 225 -2.00 -50.86 9.32
N TRP B 226 -1.87 -52.08 9.76
CA TRP B 226 -1.99 -52.39 11.17
C TRP B 226 -0.60 -52.45 11.74
N TYR B 227 -0.40 -51.71 12.82
CA TYR B 227 0.89 -51.71 13.51
C TYR B 227 0.72 -52.12 14.96
N ARG B 228 1.45 -53.13 15.38
CA ARG B 228 1.43 -53.55 16.78
C ARG B 228 2.02 -52.42 17.64
N TYR B 229 1.50 -52.22 18.85
CA TYR B 229 1.89 -51.06 19.68
C TYR B 229 3.39 -51.10 19.97
N ASP B 230 3.90 -52.34 20.00
CA ASP B 230 5.32 -52.67 20.13
C ASP B 230 6.17 -51.95 19.09
N ASP B 231 5.73 -52.04 17.84
CA ASP B 231 6.52 -51.59 16.72
C ASP B 231 5.77 -50.51 15.93
N LEU B 232 5.97 -49.25 16.29
CA LEU B 232 5.32 -48.15 15.56
C LEU B 232 6.25 -47.47 14.57
N PRO B 233 5.71 -47.04 13.42
CA PRO B 233 6.46 -46.29 12.43
C PRO B 233 6.58 -44.82 12.80
N LEU B 234 7.04 -44.00 11.86
CA LEU B 234 7.12 -42.56 12.07
C LEU B 234 5.73 -42.00 12.38
N LEU B 235 5.65 -41.26 13.48
CA LEU B 235 4.38 -40.76 14.01
C LEU B 235 4.39 -39.25 13.92
N PRO B 236 3.21 -38.62 14.06
CA PRO B 236 3.21 -37.17 14.14
C PRO B 236 3.94 -36.73 15.40
N PRO B 237 4.43 -35.49 15.41
CA PRO B 237 5.25 -35.03 16.52
C PRO B 237 4.45 -34.97 17.81
N PRO B 238 5.13 -35.12 18.95
CA PRO B 238 4.56 -34.80 20.25
C PRO B 238 4.12 -33.33 20.29
N GLY B 239 2.99 -33.05 20.91
CA GLY B 239 2.40 -31.73 20.91
C GLY B 239 1.19 -31.64 19.98
N THR B 240 0.84 -32.73 19.33
CA THR B 240 -0.30 -32.75 18.41
C THR B 240 -1.37 -33.71 18.90
N VAL B 241 -2.61 -33.43 18.55
CA VAL B 241 -3.71 -34.24 19.02
C VAL B 241 -3.64 -35.66 18.45
N ALA B 242 -3.21 -35.78 17.21
CA ALA B 242 -3.12 -37.08 16.58
C ALA B 242 -2.12 -37.95 17.32
N ARG B 243 -0.97 -37.38 17.67
CA ARG B 243 0.03 -38.08 18.48
C ARG B 243 -0.50 -38.47 19.84
N ARG B 244 -1.19 -37.54 20.48
CA ARG B 244 -1.81 -37.83 21.75
C ARG B 244 -2.77 -38.99 21.62
N LEU B 245 -3.54 -39.02 20.54
CA LEU B 245 -4.56 -40.04 20.33
C LEU B 245 -3.88 -41.36 20.16
N ILE B 246 -2.85 -41.38 19.34
CA ILE B 246 -2.12 -42.59 19.08
C ILE B 246 -1.52 -43.13 20.38
N GLU B 247 -1.03 -42.23 21.23
CA GLU B 247 -0.45 -42.61 22.51
C GLU B 247 -1.50 -43.19 23.45
N ASP B 248 -2.69 -42.59 23.44
CA ASP B 248 -3.80 -43.07 24.24
C ASP B 248 -4.24 -44.44 23.73
N THR B 249 -4.06 -44.68 22.44
CA THR B 249 -4.42 -45.98 21.88
C THR B 249 -3.39 -47.03 22.23
N VAL B 250 -2.11 -46.72 22.12
CA VAL B 250 -1.10 -47.71 22.45
C VAL B 250 -1.11 -48.02 23.94
N ALA B 251 -1.53 -47.07 24.74
CA ALA B 251 -1.71 -47.27 26.15
C ALA B 251 -2.76 -48.29 26.45
N MET B 252 -3.81 -48.25 25.68
CA MET B 252 -4.88 -49.16 25.79
C MET B 252 -4.53 -50.59 25.49
N CYS B 253 -3.77 -50.79 24.44
CA CYS B 253 -3.30 -52.08 24.06
C CYS B 253 -2.31 -52.64 25.04
N ARG B 254 -1.44 -51.80 25.51
CA ARG B 254 -0.49 -52.17 26.50
C ARG B 254 -1.21 -52.55 27.74
N ALA B 255 -2.27 -51.87 28.08
CA ALA B 255 -2.99 -52.22 29.27
C ALA B 255 -3.51 -53.64 29.22
N GLU B 256 -4.00 -54.06 28.08
CA GLU B 256 -4.42 -55.41 27.90
C GLU B 256 -3.40 -56.42 27.43
N TYR B 257 -2.23 -56.03 26.94
CA TYR B 257 -1.31 -57.06 26.48
C TYR B 257 0.02 -57.08 27.15
N GLU B 258 0.26 -56.12 28.02
CA GLU B 258 1.49 -56.02 28.78
C GLU B 258 1.17 -55.97 30.27
ZN ZN C . -1.56 20.37 17.28
O3P NMN D . 7.15 29.08 -8.35
P NMN D . 8.47 29.08 -9.05
O1P NMN D . 9.49 28.03 -8.71
O2P NMN D . 9.01 30.46 -9.14
O5R NMN D . 8.20 28.79 -10.56
C5R NMN D . 7.65 29.89 -11.22
C4R NMN D . 7.54 29.35 -12.59
O4R NMN D . 7.10 30.27 -13.56
C3R NMN D . 8.90 28.93 -13.03
O3R NMN D . 9.20 27.65 -12.46
C2R NMN D . 8.74 28.93 -14.51
O2R NMN D . 8.90 27.62 -15.05
C1R NMN D . 7.32 29.40 -14.64
N1 NMN D . 7.15 29.87 -15.99
C2 NMN D . 7.76 29.15 -16.89
C3 NMN D . 7.71 29.45 -18.20
C7 NMN D . 8.44 28.61 -19.22
O7 NMN D . 9.11 27.65 -18.87
N7 NMN D . 8.32 28.92 -20.50
C4 NMN D . 6.94 30.52 -18.56
C5 NMN D . 6.29 31.24 -17.62
C6 NMN D . 6.39 30.89 -16.31
ZN ZN E . -26.21 -5.66 3.37
O3P NMN F . -9.15 -30.21 8.69
P NMN F . -8.23 -29.28 9.36
O1P NMN F . -8.53 -29.19 10.81
O2P NMN F . -7.89 -28.05 8.59
O5R NMN F . -6.86 -30.00 9.35
C5R NMN F . -6.86 -30.75 10.53
C4R NMN F . -5.56 -30.35 11.05
O4R NMN F . -5.28 -30.99 12.23
C3R NMN F . -4.77 -31.05 10.04
O3R NMN F . -4.61 -30.16 8.94
C2R NMN F . -3.59 -31.53 10.87
O2R NMN F . -2.28 -31.13 10.52
C1R NMN F . -3.89 -31.01 12.22
N1 NMN F . -3.21 -31.96 13.05
C2 NMN F . -1.96 -31.94 12.65
C3 NMN F . -1.04 -32.72 13.20
C7 NMN F . 0.28 -32.46 12.60
O7 NMN F . 0.43 -31.68 11.71
N7 NMN F . 1.27 -33.14 13.15
C4 NMN F . -1.39 -33.57 14.20
C5 NMN F . -2.72 -33.58 14.63
C6 NMN F . -3.64 -32.75 14.02
#